data_2MMA
#
_entry.id   2MMA
#
loop_
_entity.id
_entity.type
_entity.pdbx_description
1 polymer 'Monothiol glutaredoxin-S14, chloroplastic'
2 polymer BolA2
#
loop_
_entity_poly.entity_id
_entity_poly.type
_entity_poly.pdbx_seq_one_letter_code
_entity_poly.pdbx_strand_id
1 'polypeptide(L)'
;SALTPQLKDTLEKLVNSEKVVLFMKGTRDFPMCGFSNTVVQILKNLNVPFEDVNILENEMLRQGLKEYSNWPTFPQLYIG
GEFFGGCDITLEAFKTGELQEEVEKAMCS
;
A
2 'polypeptide(L)'
;VTKEQVEASLTSKLKPIHLEVIDISGGCGSSFEVEVVSEQFEGKRLLERHRMVNAALEEEMKEIHALSIKKAQTPQQWKP
PSQDSATLTKDA
;
B
#
# COMPACT_ATOMS: atom_id res chain seq x y z
N LEU A 3 -14.84 9.48 5.11
CA LEU A 3 -14.51 9.74 6.53
C LEU A 3 -14.95 11.15 6.91
N THR A 4 -15.27 11.37 8.17
CA THR A 4 -15.64 12.68 8.70
C THR A 4 -14.39 13.15 9.45
N PRO A 5 -14.29 14.44 9.82
CA PRO A 5 -13.12 14.80 10.64
C PRO A 5 -12.95 14.05 11.96
N GLN A 6 -14.03 13.63 12.63
CA GLN A 6 -13.88 12.79 13.82
C GLN A 6 -13.28 11.43 13.47
N LEU A 7 -13.76 10.83 12.39
CA LEU A 7 -13.24 9.53 11.97
C LEU A 7 -11.78 9.68 11.57
N LYS A 8 -11.43 10.78 10.91
CA LYS A 8 -10.03 11.04 10.55
C LYS A 8 -9.18 11.17 11.80
N ASP A 9 -9.65 11.88 12.81
CA ASP A 9 -8.88 12.03 14.05
C ASP A 9 -8.70 10.69 14.75
N THR A 10 -9.73 9.88 14.77
CA THR A 10 -9.64 8.54 15.32
C THR A 10 -8.67 7.68 14.52
N LEU A 11 -8.73 7.74 13.20
CA LEU A 11 -7.83 6.95 12.35
C LEU A 11 -6.39 7.37 12.57
N GLU A 12 -6.14 8.66 12.72
CA GLU A 12 -4.78 9.13 12.99
C GLU A 12 -4.24 8.56 14.30
N LYS A 13 -5.07 8.54 15.33
CA LYS A 13 -4.65 7.98 16.61
C LYS A 13 -4.47 6.47 16.51
N LEU A 14 -5.38 5.81 15.80
CA LEU A 14 -5.38 4.37 15.64
C LEU A 14 -4.14 3.85 14.91
N VAL A 15 -3.72 4.51 13.84
CA VAL A 15 -2.55 4.03 13.11
C VAL A 15 -1.26 4.31 13.86
N ASN A 16 -1.28 5.25 14.80
CA ASN A 16 -0.10 5.59 15.59
C ASN A 16 -0.04 4.81 16.91
N SER A 17 -1.09 4.07 17.21
CA SER A 17 -1.21 3.41 18.51
C SER A 17 -0.17 2.31 18.75
N GLU A 18 0.32 1.71 17.68
CA GLU A 18 1.32 0.63 17.77
C GLU A 18 2.28 0.93 16.64
N LYS A 19 3.53 0.51 16.75
CA LYS A 19 4.54 0.85 15.72
C LYS A 19 4.22 0.21 14.39
N VAL A 20 3.53 -0.92 14.40
CA VAL A 20 3.05 -1.59 13.18
C VAL A 20 1.58 -1.95 13.40
N VAL A 21 0.71 -1.52 12.49
CA VAL A 21 -0.72 -1.82 12.57
C VAL A 21 -1.16 -2.45 11.24
N LEU A 22 -1.83 -3.57 11.31
CA LEU A 22 -2.30 -4.30 10.13
C LEU A 22 -3.82 -4.39 10.13
N PHE A 23 -4.44 -3.62 9.24
CA PHE A 23 -5.88 -3.69 9.07
C PHE A 23 -6.11 -4.75 8.02
N MET A 24 -6.88 -5.78 8.35
CA MET A 24 -6.92 -6.99 7.54
C MET A 24 -8.28 -7.68 7.58
N LYS A 25 -8.44 -8.64 6.70
CA LYS A 25 -9.65 -9.46 6.67
C LYS A 25 -9.43 -10.61 7.64
N GLY A 26 -10.03 -10.52 8.81
CA GLY A 26 -9.85 -11.52 9.85
C GLY A 26 -8.94 -11.09 10.97
N THR A 27 -8.42 -12.05 11.72
CA THR A 27 -7.53 -11.78 12.85
C THR A 27 -6.19 -12.42 12.56
N ARG A 28 -5.15 -12.12 13.33
CA ARG A 28 -3.84 -12.69 13.05
C ARG A 28 -3.83 -14.21 13.22
N ASP A 29 -4.61 -14.78 14.12
CA ASP A 29 -4.69 -16.24 14.21
C ASP A 29 -5.56 -16.81 13.10
N PHE A 30 -6.58 -16.07 12.71
CA PHE A 30 -7.55 -16.52 11.71
C PHE A 30 -7.74 -15.52 10.57
N PRO A 31 -6.75 -15.41 9.65
CA PRO A 31 -7.02 -14.56 8.50
C PRO A 31 -8.10 -15.20 7.62
N MET A 32 -8.93 -14.37 7.01
CA MET A 32 -10.09 -14.84 6.25
C MET A 32 -9.87 -14.76 4.75
N CYS A 33 -8.67 -14.38 4.34
CA CYS A 33 -8.36 -14.18 2.93
C CYS A 33 -6.87 -14.40 2.74
N GLY A 34 -6.46 -14.99 1.63
CA GLY A 34 -5.05 -15.31 1.40
C GLY A 34 -4.13 -14.10 1.35
N PHE A 35 -4.55 -12.99 0.78
CA PHE A 35 -3.72 -11.79 0.80
C PHE A 35 -3.49 -11.28 2.23
N SER A 36 -4.48 -11.41 3.09
CA SER A 36 -4.32 -11.04 4.50
C SER A 36 -3.36 -12.02 5.19
N ASN A 37 -3.48 -13.31 4.89
CA ASN A 37 -2.58 -14.30 5.48
C ASN A 37 -1.13 -14.11 5.06
N THR A 38 -0.90 -13.71 3.82
CA THR A 38 0.46 -13.48 3.34
C THR A 38 1.15 -12.42 4.18
N VAL A 39 0.47 -11.32 4.48
CA VAL A 39 1.07 -10.26 5.29
C VAL A 39 1.29 -10.72 6.73
N VAL A 40 0.34 -11.44 7.32
CA VAL A 40 0.53 -11.91 8.69
C VAL A 40 1.74 -12.84 8.74
N GLN A 41 1.88 -13.75 7.78
CA GLN A 41 3.04 -14.63 7.78
C GLN A 41 4.34 -13.85 7.59
N ILE A 42 4.36 -12.79 6.79
CA ILE A 42 5.56 -11.96 6.67
C ILE A 42 5.91 -11.31 8.01
N LEU A 43 4.93 -10.79 8.73
CA LEU A 43 5.22 -10.16 10.01
C LEU A 43 5.65 -11.19 11.05
N LYS A 44 5.25 -12.45 10.92
CA LYS A 44 5.77 -13.52 11.77
C LYS A 44 7.16 -13.97 11.35
N ASN A 45 7.47 -13.95 10.06
CA ASN A 45 8.80 -14.32 9.56
C ASN A 45 9.82 -13.34 10.12
N LEU A 46 9.45 -12.08 10.13
CA LEU A 46 10.33 -11.01 10.63
C LEU A 46 10.19 -10.79 12.14
N ASN A 47 9.33 -11.57 12.78
CA ASN A 47 9.06 -11.51 14.22
C ASN A 47 8.71 -10.10 14.73
N VAL A 48 7.81 -9.46 14.01
CA VAL A 48 7.39 -8.08 14.28
C VAL A 48 6.20 -8.08 15.23
N PRO A 49 6.30 -7.38 16.39
CA PRO A 49 5.04 -7.29 17.13
C PRO A 49 4.09 -6.31 16.42
N PHE A 50 2.80 -6.58 16.35
CA PHE A 50 1.90 -5.68 15.63
C PHE A 50 0.47 -5.75 16.14
N GLU A 51 -0.34 -4.77 15.83
CA GLU A 51 -1.76 -4.81 16.15
C GLU A 51 -2.54 -5.19 14.90
N ASP A 52 -3.34 -6.25 14.98
CA ASP A 52 -4.18 -6.68 13.87
C ASP A 52 -5.60 -6.19 14.11
N VAL A 53 -6.23 -5.64 13.08
CA VAL A 53 -7.57 -5.05 13.20
C VAL A 53 -8.48 -5.62 12.12
N ASN A 54 -9.62 -6.18 12.50
CA ASN A 54 -10.50 -6.89 11.57
C ASN A 54 -11.53 -5.96 10.91
N ILE A 55 -11.27 -5.56 9.68
CA ILE A 55 -12.18 -4.65 8.97
C ILE A 55 -13.45 -5.32 8.41
N LEU A 56 -13.54 -6.64 8.47
CA LEU A 56 -14.72 -7.33 7.93
C LEU A 56 -15.93 -7.08 8.82
N GLU A 57 -15.68 -6.70 10.06
CA GLU A 57 -16.75 -6.48 11.02
C GLU A 57 -16.94 -4.99 11.33
N ASN A 58 -16.31 -4.13 10.55
CA ASN A 58 -16.50 -2.69 10.70
C ASN A 58 -16.47 -1.97 9.34
N GLU A 59 -17.63 -1.79 8.75
CA GLU A 59 -17.73 -1.17 7.41
C GLU A 59 -17.27 0.29 7.40
N MET A 60 -17.57 1.05 8.43
CA MET A 60 -17.17 2.46 8.47
C MET A 60 -15.66 2.58 8.59
N LEU A 61 -15.06 1.71 9.38
CA LEU A 61 -13.60 1.68 9.50
C LEU A 61 -12.98 1.31 8.17
N ARG A 62 -13.55 0.29 7.52
CA ARG A 62 -13.05 -0.18 6.22
C ARG A 62 -13.07 0.93 5.18
N GLN A 63 -14.18 1.65 5.11
CA GLN A 63 -14.32 2.71 4.12
C GLN A 63 -13.48 3.94 4.47
N GLY A 64 -13.36 4.25 5.74
CA GLY A 64 -12.52 5.39 6.15
C GLY A 64 -11.07 5.10 5.86
N LEU A 65 -10.60 3.90 6.18
CA LEU A 65 -9.22 3.51 5.92
C LEU A 65 -8.90 3.49 4.44
N LYS A 66 -9.83 3.05 3.61
CA LYS A 66 -9.66 3.07 2.15
C LYS A 66 -9.31 4.47 1.66
N GLU A 67 -9.90 5.49 2.26
CA GLU A 67 -9.66 6.88 1.84
C GLU A 67 -8.43 7.45 2.54
N TYR A 68 -8.24 7.07 3.79
CA TYR A 68 -7.10 7.54 4.60
C TYR A 68 -5.77 7.08 4.01
N SER A 69 -5.68 5.80 3.68
CA SER A 69 -4.48 5.24 3.04
C SER A 69 -4.46 5.51 1.54
N ASN A 70 -5.61 5.91 1.00
CA ASN A 70 -5.84 5.95 -0.45
C ASN A 70 -5.53 4.59 -1.09
N TRP A 71 -5.91 3.52 -0.40
CA TRP A 71 -5.67 2.15 -0.87
C TRP A 71 -6.96 1.36 -0.67
N PRO A 72 -7.77 1.21 -1.73
CA PRO A 72 -9.11 0.65 -1.48
C PRO A 72 -9.29 -0.82 -1.07
N THR A 73 -8.24 -1.62 -1.08
CA THR A 73 -8.34 -3.05 -0.77
C THR A 73 -7.63 -3.36 0.54
N PHE A 74 -7.88 -4.53 1.09
CA PHE A 74 -7.26 -4.95 2.34
C PHE A 74 -6.52 -6.27 2.13
N PRO A 75 -5.44 -6.54 2.89
CA PRO A 75 -4.86 -5.77 4.00
C PRO A 75 -4.22 -4.44 3.68
N GLN A 76 -4.15 -3.60 4.69
CA GLN A 76 -3.44 -2.32 4.67
C GLN A 76 -2.48 -2.35 5.84
N LEU A 77 -1.20 -2.17 5.58
CA LEU A 77 -0.18 -2.18 6.62
C LEU A 77 0.32 -0.76 6.84
N TYR A 78 0.35 -0.35 8.10
CA TYR A 78 0.83 0.97 8.50
C TYR A 78 2.01 0.72 9.41
N ILE A 79 3.07 1.50 9.25
CA ILE A 79 4.28 1.36 10.06
C ILE A 79 4.70 2.78 10.43
N GLY A 80 4.97 3.01 11.71
CA GLY A 80 5.43 4.31 12.17
C GLY A 80 4.35 5.38 12.08
N GLY A 81 3.10 4.96 12.12
CA GLY A 81 1.98 5.87 12.00
C GLY A 81 1.67 6.30 10.58
N GLU A 82 2.33 5.72 9.60
CA GLU A 82 2.13 6.10 8.20
C GLU A 82 1.77 4.85 7.41
N PHE A 83 0.94 5.01 6.41
CA PHE A 83 0.58 3.88 5.56
C PHE A 83 1.82 3.44 4.79
N PHE A 84 2.22 2.18 4.96
CA PHE A 84 3.37 1.66 4.25
C PHE A 84 2.90 1.08 2.92
N GLY A 85 1.86 0.27 2.96
CA GLY A 85 1.40 -0.35 1.74
C GLY A 85 0.37 -1.44 1.88
N GLY A 86 -0.10 -1.95 0.75
CA GLY A 86 -1.02 -3.07 0.74
C GLY A 86 -0.25 -4.36 0.59
N CYS A 87 -0.93 -5.45 0.26
CA CYS A 87 -0.30 -6.77 0.23
C CYS A 87 0.83 -6.87 -0.80
N ASP A 88 0.65 -6.31 -1.99
CA ASP A 88 1.69 -6.35 -3.02
C ASP A 88 2.92 -5.52 -2.67
N ILE A 89 2.70 -4.36 -2.08
CA ILE A 89 3.81 -3.50 -1.64
C ILE A 89 4.56 -4.25 -0.53
N THR A 90 3.82 -4.83 0.40
CA THR A 90 4.42 -5.55 1.52
C THR A 90 5.23 -6.76 1.07
N LEU A 91 4.74 -7.51 0.09
CA LEU A 91 5.45 -8.69 -0.39
C LEU A 91 6.76 -8.29 -1.05
N GLU A 92 6.72 -7.26 -1.87
CA GLU A 92 7.93 -6.83 -2.57
C GLU A 92 8.92 -6.24 -1.56
N ALA A 93 8.41 -5.59 -0.52
CA ALA A 93 9.25 -5.07 0.55
C ALA A 93 9.91 -6.20 1.37
N PHE A 94 9.19 -7.30 1.55
CA PHE A 94 9.76 -8.46 2.24
C PHE A 94 10.86 -9.08 1.39
N LYS A 95 10.65 -9.16 0.09
CA LYS A 95 11.65 -9.68 -0.85
C LYS A 95 12.90 -8.82 -1.02
N THR A 96 12.82 -7.55 -0.68
CA THR A 96 13.95 -6.62 -0.80
C THR A 96 14.60 -6.23 0.53
N GLY A 97 13.97 -6.57 1.65
CA GLY A 97 14.49 -6.17 2.95
C GLY A 97 13.98 -4.81 3.41
N GLU A 98 13.27 -4.11 2.54
CA GLU A 98 12.77 -2.77 2.82
C GLU A 98 11.68 -2.75 3.89
N LEU A 99 10.97 -3.85 4.07
CA LEU A 99 9.93 -3.89 5.11
C LEU A 99 10.62 -3.95 6.46
N GLN A 100 11.66 -4.77 6.55
CA GLN A 100 12.43 -4.88 7.77
C GLN A 100 13.09 -3.55 8.08
N GLU A 101 13.57 -2.83 7.06
CA GLU A 101 14.14 -1.51 7.29
C GLU A 101 13.13 -0.54 7.88
N GLU A 102 11.87 -0.58 7.42
CA GLU A 102 10.86 0.32 7.93
C GLU A 102 10.40 -0.06 9.33
N VAL A 103 10.28 -1.35 9.61
CA VAL A 103 9.91 -1.82 10.95
C VAL A 103 11.03 -1.42 11.90
N GLU A 104 12.27 -1.60 11.50
CA GLU A 104 13.41 -1.24 12.32
C GLU A 104 13.39 0.26 12.60
N LYS A 105 13.09 1.06 11.58
CA LYS A 105 13.00 2.51 11.75
C LYS A 105 11.94 2.83 12.79
N ALA A 106 10.77 2.22 12.69
CA ALA A 106 9.70 2.51 13.63
C ALA A 106 10.04 2.07 15.05
N MET A 107 10.56 0.86 15.21
CA MET A 107 10.86 0.33 16.54
C MET A 107 11.97 1.11 17.22
N CYS A 108 12.93 1.61 16.44
CA CYS A 108 14.03 2.40 16.98
C CYS A 108 13.71 3.88 17.17
N SER A 109 12.61 4.35 16.58
CA SER A 109 12.20 5.75 16.75
C SER A 109 11.57 5.93 18.12
N VAL B 1 -12.01 7.65 -15.67
CA VAL B 1 -10.65 7.04 -15.68
C VAL B 1 -10.58 5.98 -16.78
N THR B 2 -9.53 6.02 -17.59
CA THR B 2 -9.25 4.97 -18.57
C THR B 2 -7.82 4.51 -18.32
N LYS B 3 -7.42 3.37 -18.87
CA LYS B 3 -6.05 2.86 -18.74
C LYS B 3 -5.04 3.88 -19.26
N GLU B 4 -5.39 4.54 -20.35
CA GLU B 4 -4.53 5.52 -20.99
C GLU B 4 -4.33 6.74 -20.09
N GLN B 5 -5.33 7.10 -19.31
CA GLN B 5 -5.18 8.21 -18.37
C GLN B 5 -4.29 7.80 -17.20
N VAL B 6 -4.44 6.57 -16.72
CA VAL B 6 -3.57 6.08 -15.65
C VAL B 6 -2.13 6.12 -16.16
N GLU B 7 -1.93 5.59 -17.36
CA GLU B 7 -0.60 5.51 -17.94
C GLU B 7 0.01 6.91 -18.14
N ALA B 8 -0.75 7.84 -18.69
CA ALA B 8 -0.22 9.17 -18.96
C ALA B 8 0.11 9.97 -17.69
N SER B 9 -0.75 9.89 -16.68
CA SER B 9 -0.51 10.65 -15.44
C SER B 9 0.71 10.12 -14.71
N LEU B 10 0.90 8.82 -14.72
CA LEU B 10 2.10 8.24 -14.13
C LEU B 10 3.32 8.56 -14.97
N THR B 11 3.19 8.56 -16.28
CA THR B 11 4.32 8.85 -17.16
C THR B 11 4.85 10.28 -17.03
N SER B 12 3.96 11.27 -17.04
CA SER B 12 4.39 12.67 -17.00
C SER B 12 5.08 13.00 -15.69
N LYS B 13 4.65 12.35 -14.62
CA LYS B 13 5.24 12.55 -13.30
C LYS B 13 6.50 11.76 -13.01
N LEU B 14 6.42 10.44 -13.17
CA LEU B 14 7.43 9.54 -12.63
C LEU B 14 8.57 9.29 -13.61
N LYS B 15 8.39 9.71 -14.86
CA LYS B 15 9.36 9.51 -15.95
C LYS B 15 9.83 8.05 -16.04
N PRO B 16 8.87 7.09 -16.13
CA PRO B 16 9.30 5.71 -15.97
C PRO B 16 10.08 5.12 -17.13
N ILE B 17 11.01 4.25 -16.80
CA ILE B 17 11.84 3.53 -17.78
C ILE B 17 11.02 2.34 -18.24
N HIS B 18 10.19 1.84 -17.34
CA HIS B 18 9.17 0.85 -17.67
C HIS B 18 7.97 1.18 -16.81
N LEU B 19 6.79 1.08 -17.39
CA LEU B 19 5.53 1.21 -16.66
C LEU B 19 4.68 0.07 -17.19
N GLU B 20 3.92 -0.57 -16.31
CA GLU B 20 2.87 -1.48 -16.70
C GLU B 20 1.65 -1.01 -15.94
N VAL B 21 0.52 -0.95 -16.62
CA VAL B 21 -0.79 -0.68 -16.01
C VAL B 21 -1.64 -1.83 -16.52
N ILE B 22 -2.37 -2.50 -15.63
CA ILE B 22 -3.28 -3.56 -16.03
C ILE B 22 -4.64 -3.16 -15.48
N ASP B 23 -5.64 -3.04 -16.34
CA ASP B 23 -7.02 -2.88 -15.89
C ASP B 23 -7.47 -4.27 -15.44
N ILE B 24 -7.85 -4.40 -14.17
CA ILE B 24 -8.28 -5.69 -13.63
C ILE B 24 -9.78 -5.73 -13.39
N SER B 25 -10.43 -4.63 -13.76
CA SER B 25 -11.86 -4.44 -13.56
C SER B 25 -12.71 -4.95 -14.72
N GLY B 26 -12.08 -5.61 -15.68
CA GLY B 26 -12.80 -6.07 -16.85
C GLY B 26 -12.92 -5.00 -17.91
N GLY B 27 -12.03 -4.02 -17.89
CA GLY B 27 -12.09 -2.92 -18.84
C GLY B 27 -13.02 -1.82 -18.40
N CYS B 28 -13.48 -1.88 -17.16
CA CYS B 28 -14.39 -0.88 -16.62
C CYS B 28 -13.64 0.42 -16.31
N GLY B 29 -12.32 0.37 -16.22
CA GLY B 29 -11.53 1.55 -15.90
C GLY B 29 -11.63 1.91 -14.44
N SER B 30 -12.00 0.95 -13.60
CA SER B 30 -12.25 1.22 -12.18
C SER B 30 -11.26 0.59 -11.22
N SER B 31 -10.48 -0.41 -11.64
CA SER B 31 -9.48 -1.02 -10.76
C SER B 31 -8.24 -1.40 -11.56
N PHE B 32 -7.08 -1.14 -10.97
CA PHE B 32 -5.81 -1.35 -11.67
C PHE B 32 -4.71 -2.01 -10.85
N GLU B 33 -3.78 -2.65 -11.54
CA GLU B 33 -2.51 -3.09 -10.97
C GLU B 33 -1.46 -2.30 -11.72
N VAL B 34 -0.42 -1.86 -11.03
CA VAL B 34 0.59 -0.98 -11.61
C VAL B 34 2.01 -1.42 -11.23
N GLU B 35 2.92 -1.46 -12.20
CA GLU B 35 4.35 -1.69 -11.92
C GLU B 35 5.10 -0.52 -12.51
N VAL B 36 5.99 0.10 -11.75
CA VAL B 36 6.76 1.25 -12.24
C VAL B 36 8.25 0.96 -12.02
N VAL B 37 9.08 1.39 -12.96
CA VAL B 37 10.53 1.41 -12.80
C VAL B 37 10.98 2.82 -13.13
N SER B 38 11.76 3.47 -12.29
CA SER B 38 12.23 4.83 -12.56
C SER B 38 13.49 5.10 -11.75
N GLU B 39 14.37 5.96 -12.25
CA GLU B 39 15.53 6.37 -11.47
C GLU B 39 15.12 7.38 -10.39
N GLN B 40 13.91 7.92 -10.50
CA GLN B 40 13.39 8.79 -9.45
C GLN B 40 13.24 8.05 -8.14
N PHE B 41 13.11 6.73 -8.18
CA PHE B 41 12.95 5.94 -6.96
C PHE B 41 14.26 5.70 -6.22
N GLU B 42 15.39 6.00 -6.86
CA GLU B 42 16.68 5.81 -6.20
C GLU B 42 16.80 6.82 -5.06
N GLY B 43 17.33 6.38 -3.93
CA GLY B 43 17.55 7.24 -2.77
C GLY B 43 16.34 7.35 -1.87
N LYS B 44 15.30 6.59 -2.19
CA LYS B 44 14.02 6.70 -1.48
C LYS B 44 13.61 5.34 -0.97
N ARG B 45 13.19 5.28 0.28
CA ARG B 45 12.69 4.04 0.87
C ARG B 45 11.28 3.85 0.32
N LEU B 46 10.77 2.63 0.33
CA LEU B 46 9.53 2.31 -0.36
C LEU B 46 8.29 3.13 0.02
N LEU B 47 8.16 3.54 1.27
CA LEU B 47 7.06 4.40 1.69
C LEU B 47 7.08 5.73 0.93
N GLU B 48 8.27 6.32 0.79
CA GLU B 48 8.41 7.57 0.04
C GLU B 48 8.11 7.33 -1.45
N ARG B 49 8.51 6.17 -1.96
CA ARG B 49 8.24 5.83 -3.35
C ARG B 49 6.75 5.64 -3.61
N HIS B 50 6.07 5.01 -2.66
CA HIS B 50 4.62 4.83 -2.77
C HIS B 50 3.94 6.20 -2.78
N ARG B 51 4.39 7.12 -1.94
CA ARG B 51 3.85 8.47 -1.94
C ARG B 51 4.04 9.16 -3.28
N MET B 52 5.15 8.95 -3.96
CA MET B 52 5.34 9.53 -5.30
C MET B 52 4.33 8.99 -6.30
N VAL B 53 4.05 7.70 -6.26
CA VAL B 53 3.10 7.12 -7.22
C VAL B 53 1.71 7.63 -6.89
N ASN B 54 1.35 7.69 -5.61
CA ASN B 54 0.04 8.19 -5.22
C ASN B 54 -0.17 9.66 -5.56
N ALA B 55 0.87 10.47 -5.45
CA ALA B 55 0.81 11.88 -5.82
C ALA B 55 0.66 12.01 -7.34
N ALA B 56 1.25 11.09 -8.08
CA ALA B 56 1.19 11.12 -9.54
C ALA B 56 -0.22 10.85 -10.07
N LEU B 57 -0.91 9.88 -9.50
CA LEU B 57 -2.28 9.51 -9.90
C LEU B 57 -3.34 10.09 -8.95
N GLU B 58 -3.08 11.28 -8.43
CA GLU B 58 -3.95 11.87 -7.43
C GLU B 58 -5.40 12.08 -7.86
N GLU B 59 -5.61 12.40 -9.13
CA GLU B 59 -6.97 12.62 -9.65
C GLU B 59 -7.74 11.32 -9.82
N GLU B 60 -7.03 10.27 -10.20
CA GLU B 60 -7.61 8.96 -10.49
C GLU B 60 -8.06 8.31 -9.20
N MET B 61 -7.28 8.52 -8.16
CA MET B 61 -7.52 7.96 -6.84
C MET B 61 -8.87 8.36 -6.27
N LYS B 62 -9.38 9.50 -6.70
CA LYS B 62 -10.66 10.03 -6.23
C LYS B 62 -11.84 9.21 -6.77
N GLU B 63 -11.60 8.44 -7.81
CA GLU B 63 -12.64 7.69 -8.49
C GLU B 63 -12.52 6.15 -8.43
N ILE B 64 -11.31 5.63 -8.54
CA ILE B 64 -11.12 4.18 -8.62
C ILE B 64 -11.50 3.38 -7.37
N HIS B 65 -11.80 2.11 -7.62
CA HIS B 65 -12.25 1.16 -6.60
C HIS B 65 -11.17 0.18 -6.15
N ALA B 66 -10.05 0.11 -6.84
CA ALA B 66 -8.85 -0.58 -6.32
C ALA B 66 -7.59 -0.12 -7.05
N LEU B 67 -6.47 -0.20 -6.34
CA LEU B 67 -5.16 0.07 -6.92
C LEU B 67 -4.21 -0.91 -6.27
N SER B 68 -3.39 -1.60 -7.06
CA SER B 68 -2.32 -2.43 -6.50
C SER B 68 -1.00 -2.06 -7.15
N ILE B 69 -0.27 -1.18 -6.48
CA ILE B 69 1.08 -0.85 -6.89
C ILE B 69 1.88 -2.08 -6.50
N LYS B 70 2.49 -2.72 -7.49
CA LYS B 70 3.25 -3.95 -7.28
C LYS B 70 4.74 -3.71 -7.20
N LYS B 71 5.25 -2.81 -8.03
CA LYS B 71 6.68 -2.55 -8.13
C LYS B 71 6.85 -1.04 -8.24
N ALA B 72 7.91 -0.51 -7.64
CA ALA B 72 8.24 0.90 -7.68
C ALA B 72 9.78 0.94 -7.72
N GLN B 73 10.32 0.25 -8.71
CA GLN B 73 11.72 -0.19 -8.69
C GLN B 73 12.73 0.80 -9.25
N THR B 74 13.95 0.71 -8.74
CA THR B 74 15.09 1.31 -9.43
C THR B 74 15.37 0.41 -10.64
N PRO B 75 16.08 0.92 -11.66
CA PRO B 75 16.42 -0.01 -12.75
C PRO B 75 17.26 -1.21 -12.30
N GLN B 76 18.06 -1.00 -11.26
CA GLN B 76 18.91 -2.05 -10.71
C GLN B 76 18.10 -3.14 -9.99
N GLN B 77 16.97 -2.81 -9.41
CA GLN B 77 16.07 -3.83 -8.86
C GLN B 77 15.30 -4.53 -9.97
N TRP B 78 14.91 -3.77 -10.99
CA TRP B 78 14.17 -4.33 -12.11
C TRP B 78 15.02 -5.36 -12.84
N LYS B 79 16.29 -5.04 -13.02
CA LYS B 79 17.25 -5.93 -13.68
C LYS B 79 18.47 -6.11 -12.78
N PRO B 80 18.42 -7.09 -11.85
CA PRO B 80 19.57 -7.27 -10.97
C PRO B 80 20.83 -7.70 -11.70
#